data_3FU3
#
_entry.id   3FU3
#
_cell.length_a   77.664
_cell.length_b   87.313
_cell.length_c   98.923
_cell.angle_alpha   90.00
_cell.angle_beta   90.00
_cell.angle_gamma   90.00
#
_symmetry.space_group_name_H-M   'P 21 21 21'
#
loop_
_entity.id
_entity.type
_entity.pdbx_description
1 polymer 'Leukotriene A-4 hydrolase'
2 non-polymer 'ZINC ION'
3 non-polymer 'YTTERBIUM (III) ION'
4 non-polymer 4-(2-amino-1,3-thiazol-4-yl)phenol
5 non-polymer 'ACETATE ION'
6 non-polymer IMIDAZOLE
7 water water
#
_entity_poly.entity_id   1
_entity_poly.type   'polypeptide(L)'
_entity_poly.pdbx_seq_one_letter_code
;MPEIVDTCSLASPASVCRTKHLHLRCSVDFTRRTLTGTAALTVQSQEDNLRSLVLDTKDLTIEKVVINGQEVKYALGERQ
SYKGSPMEISLPIALSKNQEIVIEISFETSPKSSALQWLTPEQTSGKEHPYLFSQCQAIHCRAILPCQDTPSVKLTYTAE
VSVPKELVALMSAIRDGETPDPEDPSRKIYKFIQKVPIPCYLIALVVGALESRQIGPRTLVWSEKEQVEKSAYEFSETES
MLKIAEDLGGPYVWGQYDLLVLPPSFPYGGMENPCLTFVTPTLLAGDKSLSNVIAHEISHSWTGNLVTNKTWDHFWLNEG
HTVYLERHICGRLFGEKFRHFNALGGWGELQNSVKTFGETHPFTKLVVDLTDIDPDVAYSSVPYEKGFALLFYLEQLLGG
PEIFLGFLKAYVEKFSYKSITTDDWKDFLYSYFKDKVDVLNQVDWNAWLYSPGLPPIKPNYDMTLTNACIALSQRWITAK
EDDLNSFNATDLKDLSSHQLNEFLAQTLQRAPLPLGHIKRMQEVYNFNAINNSEIRFRWLRLCIQSKWEDAIPLALKMAT
EQGRMKFTRPLFKDLAAFDKSHDQAVRTYQEHKASMHPVTAMLVGKDLKVD
;
_entity_poly.pdbx_strand_id   A
#
loop_
_chem_comp.id
_chem_comp.type
_chem_comp.name
_chem_comp.formula
92G non-polymer 4-(2-amino-1,3-thiazol-4-yl)phenol 'C9 H8 N2 O S'
ACT non-polymer 'ACETATE ION' 'C2 H3 O2 -1'
IMD non-polymer IMIDAZOLE 'C3 H5 N2 1'
YB non-polymer 'YTTERBIUM (III) ION' 'Yb 3'
ZN non-polymer 'ZINC ION' 'Zn 2'
#
# COMPACT_ATOMS: atom_id res chain seq x y z
N VAL A 5 -21.15 -10.12 -4.76
CA VAL A 5 -21.07 -8.63 -4.87
C VAL A 5 -20.00 -7.96 -3.99
N ASP A 6 -19.69 -6.72 -4.33
CA ASP A 6 -18.74 -5.94 -3.60
C ASP A 6 -19.49 -5.09 -2.58
N THR A 7 -19.46 -5.52 -1.33
CA THR A 7 -20.18 -4.82 -0.27
C THR A 7 -19.56 -3.47 0.09
N CYS A 8 -18.38 -3.17 -0.45
CA CYS A 8 -17.74 -1.85 -0.25
C CYS A 8 -18.16 -0.79 -1.28
N SER A 9 -18.84 -1.20 -2.34
CA SER A 9 -19.28 -0.24 -3.37
C SER A 9 -20.80 -0.08 -3.36
N LEU A 10 -21.27 1.14 -3.55
CA LEU A 10 -22.71 1.42 -3.71
C LEU A 10 -23.13 1.55 -5.17
N ALA A 11 -22.17 1.34 -6.09
CA ALA A 11 -22.41 1.51 -7.54
C ALA A 11 -23.12 0.29 -8.13
N SER A 12 -23.74 0.45 -9.30
CA SER A 12 -24.22 -0.71 -10.06
C SER A 12 -23.06 -1.69 -10.19
N PRO A 13 -23.32 -2.98 -9.91
CA PRO A 13 -22.30 -4.03 -10.06
C PRO A 13 -21.94 -4.30 -11.51
N ALA A 14 -20.84 -5.00 -11.71
CA ALA A 14 -20.30 -5.27 -13.03
C ALA A 14 -21.27 -6.12 -13.87
N SER A 15 -22.19 -6.81 -13.17
CA SER A 15 -23.20 -7.64 -13.83
C SER A 15 -24.33 -6.80 -14.44
N VAL A 16 -24.35 -5.51 -14.11
CA VAL A 16 -25.36 -4.58 -14.62
C VAL A 16 -24.75 -3.71 -15.73
N CYS A 17 -23.61 -3.08 -15.44
CA CYS A 17 -22.86 -2.31 -16.43
C CYS A 17 -21.38 -2.25 -16.05
N ARG A 18 -20.53 -1.97 -17.05
CA ARG A 18 -19.07 -1.90 -16.87
C ARG A 18 -18.49 -0.65 -17.48
N THR A 19 -17.69 0.07 -16.70
CA THR A 19 -16.91 1.17 -17.24
C THR A 19 -15.76 0.58 -18.03
N LYS A 20 -15.65 1.01 -19.28
CA LYS A 20 -14.62 0.54 -20.19
C LYS A 20 -13.44 1.51 -20.19
N HIS A 21 -13.72 2.80 -20.05
CA HIS A 21 -12.73 3.84 -20.20
C HIS A 21 -13.13 5.08 -19.41
N LEU A 22 -12.14 5.77 -18.88
CA LEU A 22 -12.33 7.07 -18.25
C LEU A 22 -11.52 8.08 -19.01
N HIS A 23 -12.17 9.17 -19.40
CA HIS A 23 -11.40 10.32 -19.81
C HIS A 23 -11.54 11.44 -18.80
N LEU A 24 -10.42 11.78 -18.16
CA LEU A 24 -10.42 12.77 -17.09
C LEU A 24 -9.78 14.08 -17.57
N ARG A 25 -10.53 15.15 -17.43
CA ARG A 25 -10.02 16.46 -17.74
C ARG A 25 -10.27 17.26 -16.47
N CYS A 26 -9.19 17.66 -15.81
CA CYS A 26 -9.32 18.43 -14.57
C CYS A 26 -8.24 19.47 -14.36
N SER A 27 -8.50 20.35 -13.41
CA SER A 27 -7.59 21.41 -13.02
C SER A 27 -7.37 21.33 -11.52
N VAL A 28 -6.13 21.51 -11.11
CA VAL A 28 -5.74 21.41 -9.70
C VAL A 28 -5.62 22.83 -9.15
N ASP A 29 -6.47 23.17 -8.18
CA ASP A 29 -6.48 24.50 -7.56
C ASP A 29 -5.95 24.43 -6.12
N PHE A 30 -4.70 24.87 -5.93
CA PHE A 30 -4.05 24.80 -4.62
C PHE A 30 -4.62 25.83 -3.65
N THR A 31 -5.07 26.95 -4.18
CA THR A 31 -5.68 27.95 -3.28
C THR A 31 -6.97 27.43 -2.65
N ARG A 32 -7.78 26.70 -3.42
CA ARG A 32 -9.02 26.13 -2.91
C ARG A 32 -8.86 24.69 -2.41
N ARG A 33 -7.73 24.06 -2.72
CA ARG A 33 -7.54 22.62 -2.43
C ARG A 33 -8.67 21.79 -3.02
N THR A 34 -8.93 22.03 -4.30
CA THR A 34 -9.93 21.30 -5.04
C THR A 34 -9.36 20.84 -6.38
N LEU A 35 -9.91 19.72 -6.81
CA LEU A 35 -9.75 19.27 -8.17
C LEU A 35 -11.11 19.47 -8.86
N THR A 36 -11.11 20.12 -10.01
CA THR A 36 -12.35 20.44 -10.72
C THR A 36 -12.23 20.00 -12.16
N GLY A 37 -13.28 19.38 -12.68
CA GLY A 37 -13.29 19.08 -14.11
C GLY A 37 -14.37 18.10 -14.49
N THR A 38 -14.07 17.28 -15.49
CA THR A 38 -15.05 16.35 -16.00
C THR A 38 -14.50 14.94 -16.06
N ALA A 39 -15.33 13.99 -15.65
CA ALA A 39 -15.00 12.59 -15.81
C ALA A 39 -15.97 12.07 -16.86
N ALA A 40 -15.41 11.69 -18.02
CA ALA A 40 -16.21 11.09 -19.07
C ALA A 40 -16.01 9.58 -19.01
N LEU A 41 -17.07 8.88 -18.64
CA LEU A 41 -17.04 7.45 -18.48
C LEU A 41 -17.70 6.78 -19.67
N THR A 42 -16.94 5.94 -20.37
CA THR A 42 -17.50 5.06 -21.38
C THR A 42 -18.03 3.82 -20.69
N VAL A 43 -19.35 3.66 -20.70
CA VAL A 43 -19.97 2.59 -19.93
C VAL A 43 -20.64 1.61 -20.90
N GLN A 44 -20.46 0.31 -20.65
CA GLN A 44 -21.14 -0.71 -21.41
C GLN A 44 -22.23 -1.43 -20.58
N SER A 45 -23.46 -1.43 -21.09
CA SER A 45 -24.55 -2.13 -20.43
C SER A 45 -24.33 -3.64 -20.53
N GLN A 46 -24.64 -4.33 -19.43
CA GLN A 46 -24.56 -5.77 -19.42
C GLN A 46 -25.95 -6.36 -19.39
N GLU A 47 -26.97 -5.49 -19.45
CA GLU A 47 -28.36 -5.90 -19.29
C GLU A 47 -29.23 -5.33 -20.40
N ASP A 48 -30.32 -6.04 -20.69
CA ASP A 48 -31.32 -5.47 -21.58
C ASP A 48 -32.10 -4.34 -20.92
N ASN A 49 -32.48 -3.34 -21.71
CA ASN A 49 -33.41 -2.29 -21.26
C ASN A 49 -32.92 -1.53 -20.01
N LEU A 50 -31.62 -1.20 -20.01
CA LEU A 50 -31.02 -0.50 -18.89
C LEU A 50 -31.34 0.98 -18.95
N ARG A 51 -31.99 1.49 -17.90
CA ARG A 51 -32.47 2.87 -17.89
C ARG A 51 -31.84 3.78 -16.83
N SER A 52 -31.06 3.18 -15.94
CA SER A 52 -30.31 3.98 -14.99
C SER A 52 -29.13 3.21 -14.43
N LEU A 53 -28.20 3.97 -13.87
CA LEU A 53 -27.00 3.35 -13.29
C LEU A 53 -26.60 4.16 -12.07
N VAL A 54 -25.88 3.52 -11.16
CA VAL A 54 -25.47 4.15 -9.91
C VAL A 54 -23.93 4.17 -9.83
N LEU A 55 -23.38 5.32 -9.47
CA LEU A 55 -21.92 5.44 -9.25
C LEU A 55 -21.61 5.76 -7.80
N ASP A 56 -20.41 5.38 -7.35
CA ASP A 56 -19.90 5.79 -6.04
C ASP A 56 -19.41 7.22 -6.08
N THR A 57 -19.63 7.96 -5.01
CA THR A 57 -18.99 9.26 -4.82
C THR A 57 -18.72 9.44 -3.35
N LYS A 58 -17.80 10.32 -3.00
CA LYS A 58 -17.60 10.66 -1.59
C LYS A 58 -17.13 12.10 -1.52
N ASP A 59 -17.94 12.94 -0.89
CA ASP A 59 -17.63 14.37 -0.74
C ASP A 59 -17.34 15.06 -2.06
N LEU A 60 -18.08 14.66 -3.10
CA LEU A 60 -17.95 15.29 -4.40
C LEU A 60 -19.10 16.23 -4.61
N THR A 61 -18.81 17.40 -5.19
CA THR A 61 -19.85 18.33 -5.61
C THR A 61 -20.13 18.10 -7.10
N ILE A 62 -21.36 17.73 -7.42
CA ILE A 62 -21.72 17.47 -8.82
C ILE A 62 -22.40 18.69 -9.42
N GLU A 63 -21.90 19.14 -10.56
CA GLU A 63 -22.48 20.27 -11.26
C GLU A 63 -23.52 19.87 -12.30
N LYS A 64 -23.21 18.83 -13.06
CA LYS A 64 -24.11 18.37 -14.13
C LYS A 64 -23.60 17.06 -14.68
N VAL A 65 -24.52 16.35 -15.32
CA VAL A 65 -24.22 15.11 -16.03
C VAL A 65 -24.73 15.30 -17.47
N VAL A 66 -23.82 15.07 -18.42
CA VAL A 66 -24.14 15.28 -19.83
C VAL A 66 -23.98 13.97 -20.58
N ILE A 67 -25.01 13.63 -21.35
CA ILE A 67 -25.01 12.47 -22.24
C ILE A 67 -25.57 12.92 -23.61
N ASN A 68 -24.83 12.63 -24.69
CA ASN A 68 -25.23 12.97 -26.06
C ASN A 68 -25.51 14.46 -26.19
N GLY A 69 -24.69 15.27 -25.52
CA GLY A 69 -24.80 16.72 -25.57
C GLY A 69 -25.90 17.37 -24.74
N GLN A 70 -26.67 16.55 -24.01
N GLN A 70 -26.63 16.55 -23.97
CA GLN A 70 -27.77 17.07 -23.19
CA GLN A 70 -27.77 17.03 -23.20
C GLN A 70 -27.55 16.76 -21.72
C GLN A 70 -27.63 16.71 -21.71
N GLU A 71 -28.01 17.65 -20.85
CA GLU A 71 -27.99 17.43 -19.41
C GLU A 71 -29.04 16.38 -19.04
N VAL A 72 -28.69 15.47 -18.14
CA VAL A 72 -29.59 14.41 -17.73
C VAL A 72 -29.87 14.48 -16.24
N LYS A 73 -30.92 13.80 -15.81
CA LYS A 73 -31.29 13.78 -14.39
C LYS A 73 -30.39 12.83 -13.59
N TYR A 74 -30.00 13.28 -12.40
CA TYR A 74 -29.23 12.46 -11.47
C TYR A 74 -29.63 12.85 -10.06
N ALA A 75 -29.43 11.95 -9.10
CA ALA A 75 -29.64 12.26 -7.70
C ALA A 75 -28.58 11.61 -6.82
N LEU A 76 -28.25 12.28 -5.73
CA LEU A 76 -27.32 11.78 -4.71
C LEU A 76 -28.06 11.26 -3.50
N GLY A 77 -27.76 10.03 -3.11
CA GLY A 77 -28.38 9.39 -1.94
C GLY A 77 -27.80 9.93 -0.65
N GLU A 78 -28.36 9.49 0.50
CA GLU A 78 -27.79 9.78 1.83
C GLU A 78 -26.36 9.29 1.86
N ARG A 79 -25.51 10.00 2.57
CA ARG A 79 -24.17 9.50 2.83
C ARG A 79 -24.27 8.23 3.64
N GLN A 80 -23.48 7.23 3.26
CA GLN A 80 -23.37 6.02 4.05
C GLN A 80 -21.98 5.91 4.63
N SER A 81 -21.68 6.82 5.56
CA SER A 81 -20.40 6.82 6.29
C SER A 81 -19.24 6.80 5.30
N TYR A 82 -18.24 5.97 5.57
CA TYR A 82 -17.03 5.85 4.75
C TYR A 82 -17.29 5.42 3.29
N LYS A 83 -18.44 4.80 3.03
CA LYS A 83 -18.80 4.43 1.64
C LYS A 83 -19.16 5.61 0.75
N GLY A 84 -19.50 6.75 1.36
CA GLY A 84 -19.86 7.95 0.60
C GLY A 84 -21.32 7.93 0.17
N SER A 85 -21.63 8.65 -0.90
CA SER A 85 -23.02 8.80 -1.37
C SER A 85 -23.21 8.22 -2.77
N PRO A 86 -24.20 7.33 -2.93
CA PRO A 86 -24.48 6.81 -4.27
C PRO A 86 -25.07 7.89 -5.17
N MET A 87 -24.62 7.91 -6.42
CA MET A 87 -25.13 8.83 -7.42
C MET A 87 -25.88 8.05 -8.50
N GLU A 88 -27.20 8.22 -8.55
CA GLU A 88 -28.04 7.58 -9.57
C GLU A 88 -28.21 8.52 -10.74
N ILE A 89 -28.01 7.98 -11.94
CA ILE A 89 -28.14 8.76 -13.17
C ILE A 89 -29.25 8.10 -14.00
N SER A 90 -30.25 8.89 -14.38
CA SER A 90 -31.32 8.44 -15.26
C SER A 90 -30.82 8.55 -16.70
N LEU A 91 -30.70 7.42 -17.37
CA LEU A 91 -30.24 7.41 -18.78
C LEU A 91 -31.32 7.99 -19.71
N PRO A 92 -30.92 8.82 -20.69
CA PRO A 92 -31.90 9.41 -21.60
C PRO A 92 -32.63 8.37 -22.45
N ILE A 93 -31.90 7.34 -22.89
CA ILE A 93 -32.45 6.26 -23.71
C ILE A 93 -32.06 4.93 -23.10
N ALA A 94 -33.04 4.02 -23.03
CA ALA A 94 -32.82 2.66 -22.56
C ALA A 94 -31.75 1.96 -23.41
N LEU A 95 -30.86 1.22 -22.75
CA LEU A 95 -29.73 0.60 -23.43
C LEU A 95 -29.92 -0.89 -23.60
N SER A 96 -29.50 -1.42 -24.74
CA SER A 96 -29.47 -2.86 -24.94
C SER A 96 -28.20 -3.46 -24.35
N LYS A 97 -28.21 -4.78 -24.15
CA LYS A 97 -27.02 -5.51 -23.70
C LYS A 97 -25.87 -5.23 -24.67
N ASN A 98 -24.71 -4.90 -24.10
CA ASN A 98 -23.50 -4.58 -24.86
C ASN A 98 -23.44 -3.21 -25.52
N GLN A 99 -24.52 -2.45 -25.45
CA GLN A 99 -24.51 -1.06 -25.92
C GLN A 99 -23.65 -0.16 -25.03
N GLU A 100 -22.87 0.71 -25.66
CA GLU A 100 -21.98 1.62 -24.93
C GLU A 100 -22.42 3.04 -25.07
N ILE A 101 -22.37 3.80 -23.97
CA ILE A 101 -22.55 5.27 -24.02
C ILE A 101 -21.41 5.97 -23.27
N VAL A 102 -21.30 7.28 -23.49
CA VAL A 102 -20.35 8.11 -22.78
C VAL A 102 -21.13 9.05 -21.85
N ILE A 103 -20.77 9.04 -20.58
CA ILE A 103 -21.42 9.87 -19.59
C ILE A 103 -20.36 10.80 -19.04
N GLU A 104 -20.58 12.09 -19.22
CA GLU A 104 -19.63 13.09 -18.83
C GLU A 104 -20.13 13.80 -17.58
N ILE A 105 -19.42 13.63 -16.46
CA ILE A 105 -19.86 14.24 -15.19
C ILE A 105 -18.93 15.38 -14.78
N SER A 106 -19.51 16.56 -14.59
CA SER A 106 -18.77 17.72 -14.11
C SER A 106 -18.86 17.72 -12.60
N PHE A 107 -17.71 17.79 -11.94
CA PHE A 107 -17.64 17.60 -10.50
C PHE A 107 -16.51 18.44 -9.91
N GLU A 108 -16.54 18.58 -8.59
CA GLU A 108 -15.44 19.16 -7.85
C GLU A 108 -15.22 18.35 -6.56
N THR A 109 -13.96 18.16 -6.18
CA THR A 109 -13.66 17.45 -4.95
C THR A 109 -13.78 18.41 -3.75
N SER A 110 -13.95 17.84 -2.57
CA SER A 110 -13.83 18.57 -1.31
C SER A 110 -12.36 18.70 -0.85
N PRO A 111 -12.01 19.84 -0.22
CA PRO A 111 -10.69 19.92 0.42
C PRO A 111 -10.42 18.77 1.38
N LYS A 112 -11.44 18.21 2.01
CA LYS A 112 -11.23 17.06 2.91
C LYS A 112 -11.34 15.68 2.23
N SER A 113 -11.21 15.64 0.91
CA SER A 113 -11.21 14.35 0.20
C SER A 113 -10.27 13.39 0.91
N SER A 114 -10.78 12.23 1.29
CA SER A 114 -9.96 11.23 1.97
C SER A 114 -8.89 10.62 1.03
N ALA A 115 -9.00 10.89 -0.27
CA ALA A 115 -8.07 10.37 -1.26
C ALA A 115 -6.82 11.22 -1.38
N LEU A 116 -6.90 12.46 -0.91
CA LEU A 116 -5.88 13.44 -1.22
C LEU A 116 -5.21 14.01 0.03
N GLN A 117 -3.91 14.28 -0.08
CA GLN A 117 -3.28 15.19 0.87
C GLN A 117 -2.77 16.42 0.14
N TRP A 118 -3.19 17.60 0.60
CA TRP A 118 -2.70 18.90 0.13
C TRP A 118 -1.64 19.43 1.11
N LEU A 119 -0.44 19.69 0.61
CA LEU A 119 0.64 20.17 1.47
C LEU A 119 0.93 21.61 1.15
N THR A 120 1.10 22.41 2.21
CA THR A 120 1.60 23.76 2.08
C THR A 120 3.08 23.70 1.72
N PRO A 121 3.62 24.79 1.15
CA PRO A 121 5.05 24.90 0.89
C PRO A 121 5.92 24.52 2.10
N GLU A 122 5.58 24.98 3.31
CA GLU A 122 6.39 24.64 4.50
C GLU A 122 6.41 23.14 4.84
N GLN A 123 5.43 22.39 4.34
CA GLN A 123 5.42 20.93 4.48
C GLN A 123 6.26 20.19 3.42
N THR A 124 6.88 20.92 2.49
CA THR A 124 7.68 20.28 1.43
C THR A 124 9.20 20.38 1.71
N SER A 125 10.02 19.65 0.93
CA SER A 125 11.48 19.83 0.97
C SER A 125 11.94 21.24 0.57
N GLY A 126 11.41 21.75 -0.54
CA GLY A 126 11.91 22.98 -1.15
C GLY A 126 11.39 24.25 -0.52
N LYS A 127 10.27 24.15 0.20
CA LYS A 127 9.66 25.26 0.95
C LYS A 127 9.11 26.39 0.07
N GLU A 128 9.20 26.25 -1.25
CA GLU A 128 8.64 27.28 -2.13
C GLU A 128 7.25 26.92 -2.66
N HIS A 129 7.06 25.67 -3.09
CA HIS A 129 5.82 25.29 -3.77
C HIS A 129 4.95 24.32 -2.95
N PRO A 130 3.61 24.34 -3.20
CA PRO A 130 2.74 23.36 -2.58
C PRO A 130 2.86 22.00 -3.28
N TYR A 131 2.17 20.98 -2.77
CA TYR A 131 2.32 19.60 -3.27
C TYR A 131 0.99 18.87 -3.06
N LEU A 132 0.63 18.02 -4.00
CA LEU A 132 -0.57 17.20 -3.87
C LEU A 132 -0.24 15.75 -4.23
N PHE A 133 -0.72 14.79 -3.43
CA PHE A 133 -0.68 13.39 -3.89
C PHE A 133 -1.95 12.63 -3.52
N SER A 134 -2.23 11.60 -4.31
CA SER A 134 -3.42 10.79 -4.12
C SER A 134 -3.05 9.42 -3.56
N GLN A 135 -4.04 8.76 -2.98
CA GLN A 135 -3.92 7.38 -2.48
C GLN A 135 -5.34 6.80 -2.50
N CYS A 136 -5.67 6.04 -3.55
CA CYS A 136 -7.05 5.57 -3.76
C CYS A 136 -7.38 4.23 -3.10
N GLN A 137 -6.35 3.40 -2.87
CA GLN A 137 -6.60 2.07 -2.31
C GLN A 137 -7.05 2.22 -0.85
N ALA A 138 -8.13 1.55 -0.41
CA ALA A 138 -8.96 0.62 -1.19
C ALA A 138 -10.05 1.32 -1.97
N ILE A 139 -10.80 2.18 -1.27
CA ILE A 139 -12.04 2.76 -1.81
C ILE A 139 -12.06 4.29 -1.72
N HIS A 140 -10.95 4.94 -2.09
CA HIS A 140 -10.88 6.39 -2.06
C HIS A 140 -10.99 7.04 -3.43
N CYS A 141 -10.99 6.24 -4.49
CA CYS A 141 -11.14 6.84 -5.83
C CYS A 141 -12.44 7.62 -5.92
N ARG A 142 -13.48 7.12 -5.25
CA ARG A 142 -14.80 7.79 -5.22
C ARG A 142 -14.72 9.18 -4.57
N ALA A 143 -13.66 9.43 -3.79
CA ALA A 143 -13.41 10.74 -3.20
C ALA A 143 -12.65 11.67 -4.15
N ILE A 144 -12.31 11.18 -5.33
CA ILE A 144 -11.72 12.01 -6.39
C ILE A 144 -12.66 12.23 -7.58
N LEU A 145 -13.37 11.17 -7.98
CA LEU A 145 -14.23 11.25 -9.15
C LEU A 145 -15.35 10.20 -9.04
N PRO A 146 -16.48 10.44 -9.71
CA PRO A 146 -17.56 9.47 -9.69
C PRO A 146 -17.16 8.28 -10.53
N CYS A 147 -17.36 7.07 -9.98
CA CYS A 147 -16.92 5.85 -10.64
C CYS A 147 -17.59 4.66 -9.98
N GLN A 148 -17.50 3.51 -10.65
CA GLN A 148 -17.82 2.23 -10.02
C GLN A 148 -16.56 1.84 -9.23
N ASP A 149 -16.54 2.26 -7.97
CA ASP A 149 -15.34 2.15 -7.14
C ASP A 149 -15.21 0.76 -6.53
N THR A 150 -14.89 -0.18 -7.42
CA THR A 150 -14.81 -1.61 -7.12
C THR A 150 -13.72 -2.24 -8.00
N PRO A 151 -12.89 -3.13 -7.43
CA PRO A 151 -11.80 -3.75 -8.22
C PRO A 151 -12.30 -4.83 -9.18
N SER A 152 -13.62 -5.07 -9.18
CA SER A 152 -14.25 -6.03 -10.12
C SER A 152 -14.40 -5.46 -11.52
N VAL A 153 -14.22 -4.16 -11.65
CA VAL A 153 -14.35 -3.47 -12.94
C VAL A 153 -12.98 -2.89 -13.30
N LYS A 154 -12.52 -3.16 -14.52
CA LYS A 154 -11.23 -2.67 -14.99
C LYS A 154 -11.42 -1.87 -16.27
N LEU A 155 -10.77 -0.72 -16.32
CA LEU A 155 -10.96 0.29 -17.35
C LEU A 155 -9.60 0.83 -17.79
N THR A 156 -9.54 1.34 -19.01
CA THR A 156 -8.36 2.08 -19.45
C THR A 156 -8.64 3.54 -19.13
N TYR A 157 -7.61 4.39 -19.17
CA TYR A 157 -7.87 5.81 -18.98
C TYR A 157 -6.95 6.75 -19.75
N THR A 158 -7.47 7.96 -19.97
CA THR A 158 -6.69 9.06 -20.51
C THR A 158 -6.96 10.26 -19.63
N ALA A 159 -6.01 11.18 -19.53
CA ALA A 159 -6.23 12.34 -18.68
C ALA A 159 -5.49 13.57 -19.19
N GLU A 160 -6.09 14.74 -18.98
CA GLU A 160 -5.38 16.00 -19.14
C GLU A 160 -5.52 16.76 -17.84
N VAL A 161 -4.39 17.13 -17.24
CA VAL A 161 -4.40 17.75 -15.93
C VAL A 161 -3.73 19.11 -16.04
N SER A 162 -4.49 20.13 -15.67
CA SER A 162 -3.99 21.50 -15.73
C SER A 162 -3.49 21.91 -14.37
N VAL A 163 -2.24 22.37 -14.33
CA VAL A 163 -1.61 22.73 -13.05
C VAL A 163 -0.85 24.07 -13.20
N PRO A 164 -0.56 24.77 -12.08
CA PRO A 164 0.33 25.94 -12.23
C PRO A 164 1.60 25.54 -12.98
N LYS A 165 2.05 26.44 -13.86
CA LYS A 165 3.07 26.08 -14.84
C LYS A 165 4.42 25.77 -14.24
N GLU A 166 4.71 26.25 -13.03
CA GLU A 166 6.00 25.92 -12.41
C GLU A 166 6.01 24.52 -11.78
N LEU A 167 4.86 23.85 -11.79
CA LEU A 167 4.74 22.52 -11.17
C LEU A 167 4.61 21.41 -12.22
N VAL A 168 4.77 20.16 -11.78
CA VAL A 168 4.72 19.01 -12.66
C VAL A 168 3.62 18.06 -12.16
N ALA A 169 2.80 17.55 -13.08
CA ALA A 169 1.84 16.50 -12.75
C ALA A 169 2.38 15.18 -13.24
N LEU A 170 2.17 14.11 -12.44
CA LEU A 170 2.39 12.73 -12.88
C LEU A 170 1.19 11.87 -12.49
N MET A 171 0.97 10.81 -13.26
CA MET A 171 -0.11 9.90 -13.00
C MET A 171 0.35 8.46 -13.19
N SER A 172 -0.52 7.52 -12.83
CA SER A 172 -0.27 6.10 -12.97
C SER A 172 -0.55 5.68 -14.43
N ALA A 173 0.30 6.16 -15.33
CA ALA A 173 0.04 6.05 -16.77
C ALA A 173 1.29 6.50 -17.53
N ILE A 174 1.27 6.35 -18.84
CA ILE A 174 2.41 6.79 -19.64
C ILE A 174 2.23 8.28 -19.90
N ARG A 175 3.30 9.05 -19.66
CA ARG A 175 3.32 10.48 -19.91
C ARG A 175 3.17 10.72 -21.40
N ASP A 176 2.23 11.59 -21.77
CA ASP A 176 1.79 11.72 -23.15
C ASP A 176 1.92 13.15 -23.66
N GLY A 177 2.72 13.95 -22.97
CA GLY A 177 3.05 15.30 -23.41
C GLY A 177 2.60 16.40 -22.46
N GLU A 178 3.15 17.59 -22.66
CA GLU A 178 2.73 18.78 -21.94
C GLU A 178 2.60 19.95 -22.91
N THR A 179 1.68 20.85 -22.61
CA THR A 179 1.47 22.08 -23.40
C THR A 179 1.03 23.21 -22.46
N PRO A 180 1.20 24.48 -22.90
CA PRO A 180 0.54 25.53 -22.13
C PRO A 180 -0.98 25.33 -22.13
N ASP A 181 -1.64 25.72 -21.06
CA ASP A 181 -3.09 25.69 -21.00
C ASP A 181 -3.60 26.86 -21.87
N PRO A 182 -4.33 26.56 -22.96
CA PRO A 182 -4.81 27.65 -23.84
C PRO A 182 -5.86 28.53 -23.17
N GLU A 183 -6.43 28.05 -22.07
CA GLU A 183 -7.42 28.78 -21.29
C GLU A 183 -6.80 29.67 -20.23
N ASP A 184 -5.50 29.49 -19.98
CA ASP A 184 -4.85 30.15 -18.86
C ASP A 184 -3.33 29.97 -18.94
N PRO A 185 -2.60 31.01 -19.39
CA PRO A 185 -1.16 30.89 -19.66
C PRO A 185 -0.30 30.87 -18.39
N SER A 186 -0.93 31.01 -17.23
CA SER A 186 -0.27 30.75 -15.96
C SER A 186 -0.21 29.24 -15.65
N ARG A 187 -0.77 28.42 -16.54
CA ARG A 187 -0.92 26.98 -16.29
C ARG A 187 -0.37 26.11 -17.41
N LYS A 188 -0.12 24.84 -17.08
CA LYS A 188 0.32 23.82 -18.04
C LYS A 188 -0.65 22.66 -18.00
N ILE A 189 -0.88 22.04 -19.15
CA ILE A 189 -1.63 20.80 -19.23
C ILE A 189 -0.67 19.63 -19.43
N TYR A 190 -0.72 18.65 -18.53
CA TYR A 190 0.03 17.42 -18.71
C TYR A 190 -0.95 16.33 -19.14
N LYS A 191 -0.54 15.51 -20.09
CA LYS A 191 -1.40 14.48 -20.63
C LYS A 191 -0.92 13.07 -20.30
N PHE A 192 -1.86 12.14 -20.19
CA PHE A 192 -1.57 10.79 -19.69
C PHE A 192 -2.42 9.76 -20.40
N ILE A 193 -1.85 8.57 -20.63
CA ILE A 193 -2.60 7.45 -21.20
C ILE A 193 -2.25 6.12 -20.52
N GLN A 194 -3.29 5.42 -20.04
CA GLN A 194 -3.10 4.10 -19.45
C GLN A 194 -3.85 3.11 -20.34
N LYS A 195 -3.12 2.39 -21.20
CA LYS A 195 -3.72 1.49 -22.19
C LYS A 195 -4.03 0.10 -21.65
N VAL A 196 -3.53 -0.23 -20.46
CA VAL A 196 -3.82 -1.56 -19.85
C VAL A 196 -4.98 -1.37 -18.90
N PRO A 197 -6.05 -2.17 -19.05
CA PRO A 197 -7.20 -1.97 -18.14
C PRO A 197 -6.78 -2.20 -16.71
N ILE A 198 -7.27 -1.35 -15.82
CA ILE A 198 -6.93 -1.39 -14.40
C ILE A 198 -8.19 -1.17 -13.55
N PRO A 199 -8.16 -1.69 -12.30
CA PRO A 199 -9.17 -1.29 -11.34
C PRO A 199 -8.91 0.17 -10.97
N CYS A 200 -9.97 0.89 -10.58
CA CYS A 200 -9.84 2.32 -10.38
C CYS A 200 -9.04 2.70 -9.12
N TYR A 201 -8.82 1.76 -8.18
CA TYR A 201 -7.97 2.06 -7.02
C TYR A 201 -6.51 2.35 -7.43
N LEU A 202 -6.14 1.96 -8.65
CA LEU A 202 -4.79 2.18 -9.20
C LEU A 202 -4.64 3.52 -9.92
N ILE A 203 -5.73 4.29 -10.05
CA ILE A 203 -5.63 5.66 -10.54
C ILE A 203 -4.86 6.51 -9.51
N ALA A 204 -3.89 7.29 -9.97
CA ALA A 204 -3.07 8.09 -9.06
C ALA A 204 -2.61 9.37 -9.71
N LEU A 205 -2.41 10.39 -8.89
CA LEU A 205 -1.98 11.72 -9.31
C LEU A 205 -1.02 12.30 -8.27
N VAL A 206 0.05 12.92 -8.74
CA VAL A 206 0.87 13.79 -7.91
C VAL A 206 1.09 15.12 -8.64
N VAL A 207 1.12 16.21 -7.90
CA VAL A 207 1.43 17.51 -8.49
C VAL A 207 2.35 18.22 -7.52
N GLY A 208 3.50 18.66 -8.02
CA GLY A 208 4.48 19.33 -7.18
C GLY A 208 5.70 19.76 -7.95
N ALA A 209 6.68 20.28 -7.22
CA ALA A 209 7.93 20.72 -7.83
C ALA A 209 8.85 19.50 -7.98
N LEU A 210 8.61 18.71 -9.02
CA LEU A 210 9.28 17.40 -9.18
C LEU A 210 10.41 17.46 -10.19
N GLU A 211 11.51 16.77 -9.87
CA GLU A 211 12.59 16.58 -10.84
C GLU A 211 12.76 15.08 -11.01
N SER A 212 13.42 14.68 -12.09
CA SER A 212 13.59 13.27 -12.41
C SER A 212 15.04 12.97 -12.69
N ARG A 213 15.44 11.74 -12.38
CA ARG A 213 16.72 11.21 -12.81
C ARG A 213 16.55 9.79 -13.31
N GLN A 214 17.19 9.48 -14.44
CA GLN A 214 17.15 8.14 -15.00
C GLN A 214 18.04 7.19 -14.21
N ILE A 215 17.50 6.02 -13.87
CA ILE A 215 18.29 5.03 -13.14
C ILE A 215 18.33 3.67 -13.82
N GLY A 216 17.58 3.51 -14.89
CA GLY A 216 17.64 2.29 -15.70
C GLY A 216 16.99 2.51 -17.05
N PRO A 217 17.02 1.51 -17.94
CA PRO A 217 16.47 1.73 -19.28
C PRO A 217 14.96 2.06 -19.33
N ARG A 218 14.20 1.70 -18.30
CA ARG A 218 12.75 2.03 -18.26
C ARG A 218 12.32 2.63 -16.92
N THR A 219 13.25 3.31 -16.24
CA THR A 219 12.98 3.81 -14.91
C THR A 219 13.59 5.18 -14.67
N LEU A 220 12.74 6.14 -14.39
CA LEU A 220 13.17 7.42 -13.83
C LEU A 220 12.72 7.43 -12.38
N VAL A 221 13.57 7.97 -11.49
CA VAL A 221 13.12 8.33 -10.15
C VAL A 221 12.68 9.78 -10.15
N TRP A 222 11.50 10.04 -9.57
CA TRP A 222 10.98 11.40 -9.40
C TRP A 222 10.87 11.76 -7.93
N SER A 223 11.25 13.00 -7.62
CA SER A 223 11.06 13.55 -6.29
C SER A 223 11.31 15.05 -6.34
N GLU A 224 11.15 15.70 -5.19
CA GLU A 224 11.69 17.05 -5.05
C GLU A 224 13.21 16.97 -5.20
N LYS A 225 13.78 18.03 -5.76
CA LYS A 225 15.19 18.14 -6.06
C LYS A 225 16.09 17.61 -4.91
N GLU A 226 15.74 17.96 -3.68
CA GLU A 226 16.54 17.60 -2.50
C GLU A 226 16.68 16.09 -2.31
N GLN A 227 15.75 15.30 -2.83
CA GLN A 227 15.80 13.85 -2.61
C GLN A 227 16.27 13.04 -3.81
N VAL A 228 16.39 13.68 -4.97
CA VAL A 228 16.69 12.94 -6.21
C VAL A 228 17.99 12.12 -6.11
N GLU A 229 19.08 12.74 -5.69
CA GLU A 229 20.37 12.07 -5.67
C GLU A 229 20.36 10.82 -4.77
N LYS A 230 19.91 11.00 -3.53
CA LYS A 230 19.80 9.91 -2.57
C LYS A 230 18.89 8.80 -3.08
N SER A 231 17.79 9.21 -3.71
CA SER A 231 16.82 8.25 -4.24
C SER A 231 17.41 7.42 -5.38
N ALA A 232 18.13 8.08 -6.28
CA ALA A 232 18.73 7.37 -7.44
C ALA A 232 19.69 6.26 -6.96
N TYR A 233 20.48 6.57 -5.95
CA TYR A 233 21.35 5.57 -5.34
C TYR A 233 20.54 4.47 -4.63
N GLU A 234 19.64 4.87 -3.74
CA GLU A 234 18.95 3.90 -2.88
C GLU A 234 18.21 2.83 -3.71
N PHE A 235 17.68 3.24 -4.86
CA PHE A 235 16.87 2.35 -5.69
C PHE A 235 17.55 1.92 -6.99
N SER A 236 18.89 1.90 -6.97
CA SER A 236 19.67 1.53 -8.16
C SER A 236 19.50 0.06 -8.60
N GLU A 237 19.01 -0.81 -7.71
CA GLU A 237 18.78 -2.23 -8.04
C GLU A 237 17.47 -2.44 -8.82
N THR A 238 16.69 -1.37 -9.05
CA THR A 238 15.34 -1.51 -9.63
C THR A 238 15.28 -2.35 -10.95
N GLU A 239 16.12 -1.98 -11.91
CA GLU A 239 16.11 -2.70 -13.19
C GLU A 239 16.43 -4.19 -13.02
N SER A 240 17.43 -4.55 -12.21
CA SER A 240 17.76 -5.97 -11.99
C SER A 240 16.57 -6.70 -11.34
N MET A 241 15.89 -6.01 -10.43
CA MET A 241 14.66 -6.55 -9.83
C MET A 241 13.55 -6.77 -10.84
N LEU A 242 13.38 -5.81 -11.76
CA LEU A 242 12.39 -5.97 -12.82
C LEU A 242 12.69 -7.16 -13.72
N LYS A 243 13.97 -7.33 -14.07
CA LYS A 243 14.42 -8.45 -14.89
C LYS A 243 14.12 -9.79 -14.21
N ILE A 244 14.35 -9.86 -12.91
CA ILE A 244 14.04 -11.10 -12.17
C ILE A 244 12.52 -11.36 -12.12
N ALA A 245 11.77 -10.30 -11.83
CA ALA A 245 10.30 -10.37 -11.78
C ALA A 245 9.74 -10.87 -13.11
N GLU A 246 10.28 -10.37 -14.22
CA GLU A 246 9.84 -10.80 -15.55
C GLU A 246 10.08 -12.29 -15.76
N ASP A 247 11.24 -12.76 -15.31
CA ASP A 247 11.58 -14.18 -15.37
C ASP A 247 10.59 -15.02 -14.60
N LEU A 248 10.14 -14.53 -13.44
CA LEU A 248 9.18 -15.25 -12.60
C LEU A 248 7.73 -15.05 -13.06
N GLY A 249 7.38 -13.84 -13.48
CA GLY A 249 5.97 -13.52 -13.72
C GLY A 249 5.52 -13.51 -15.17
N GLY A 250 6.47 -13.48 -16.10
CA GLY A 250 6.15 -13.24 -17.51
C GLY A 250 6.41 -11.79 -17.85
N PRO A 251 6.14 -11.40 -19.11
CA PRO A 251 6.38 -10.04 -19.60
C PRO A 251 5.86 -8.91 -18.69
N TYR A 252 6.69 -7.90 -18.48
CA TYR A 252 6.22 -6.66 -17.87
C TYR A 252 5.42 -5.91 -18.95
N VAL A 253 4.11 -5.75 -18.74
CA VAL A 253 3.24 -5.27 -19.82
C VAL A 253 3.01 -3.77 -19.82
N TRP A 254 3.60 -3.06 -18.85
CA TRP A 254 3.17 -1.71 -18.51
C TRP A 254 3.97 -0.59 -19.15
N GLY A 255 5.02 -0.94 -19.91
CA GLY A 255 5.89 0.05 -20.55
C GLY A 255 6.96 0.54 -19.57
N GLN A 256 6.64 1.61 -18.88
CA GLN A 256 7.57 2.28 -17.98
C GLN A 256 7.42 1.70 -16.56
N TYR A 257 8.52 1.66 -15.82
CA TYR A 257 8.46 1.48 -14.37
C TYR A 257 9.21 2.63 -13.68
N ASP A 258 8.51 3.72 -13.40
CA ASP A 258 9.09 4.85 -12.71
C ASP A 258 8.81 4.75 -11.21
N LEU A 259 9.60 5.49 -10.44
CA LEU A 259 9.45 5.60 -9.00
C LEU A 259 9.23 7.06 -8.62
N LEU A 260 8.35 7.25 -7.64
CA LEU A 260 8.08 8.57 -7.09
C LEU A 260 8.35 8.52 -5.61
N VAL A 261 9.27 9.37 -5.14
CA VAL A 261 9.56 9.39 -3.72
C VAL A 261 8.76 10.53 -3.14
N LEU A 262 7.77 10.17 -2.33
CA LEU A 262 6.81 11.11 -1.75
C LEU A 262 7.38 11.87 -0.56
N PRO A 263 6.68 12.95 -0.13
CA PRO A 263 7.09 13.59 1.13
C PRO A 263 6.79 12.62 2.30
N PRO A 264 7.29 12.93 3.50
CA PRO A 264 7.31 12.00 4.65
C PRO A 264 5.94 11.50 5.12
N SER A 265 4.90 12.29 4.86
CA SER A 265 3.54 11.93 5.27
C SER A 265 2.86 10.81 4.46
N PHE A 266 3.50 10.33 3.39
CA PHE A 266 2.90 9.23 2.63
C PHE A 266 2.61 8.05 3.58
N PRO A 267 1.36 7.55 3.60
CA PRO A 267 0.95 6.64 4.68
C PRO A 267 1.45 5.19 4.58
N TYR A 268 2.00 4.79 3.43
CA TYR A 268 2.44 3.40 3.23
C TYR A 268 3.91 3.32 2.81
N GLY A 269 4.51 2.14 2.95
CA GLY A 269 5.88 1.95 2.46
C GLY A 269 5.93 2.18 0.95
N GLY A 270 4.88 1.73 0.28
CA GLY A 270 4.76 1.98 -1.16
C GLY A 270 3.33 1.76 -1.63
N MET A 271 3.08 2.14 -2.88
CA MET A 271 1.79 1.85 -3.52
C MET A 271 2.08 1.55 -4.98
N GLU A 272 1.57 0.41 -5.45
CA GLU A 272 1.91 -0.16 -6.75
C GLU A 272 1.22 0.51 -7.94
N ASN A 273 1.18 1.84 -7.98
CA ASN A 273 0.46 2.55 -9.06
C ASN A 273 1.13 2.25 -10.39
N PRO A 274 0.36 1.76 -11.38
CA PRO A 274 0.97 1.31 -12.65
C PRO A 274 1.77 2.42 -13.33
N CYS A 275 2.97 2.07 -13.80
CA CYS A 275 3.92 2.96 -14.47
C CYS A 275 4.65 3.91 -13.53
N LEU A 276 4.12 4.08 -12.31
CA LEU A 276 4.65 5.02 -11.34
C LEU A 276 4.43 4.52 -9.90
N THR A 277 5.30 3.63 -9.42
CA THR A 277 5.25 3.22 -8.01
C THR A 277 5.52 4.41 -7.10
N PHE A 278 4.70 4.56 -6.06
CA PHE A 278 4.88 5.60 -5.04
C PHE A 278 5.60 4.96 -3.86
N VAL A 279 6.63 5.61 -3.32
CA VAL A 279 7.33 5.11 -2.13
C VAL A 279 7.55 6.16 -1.03
N THR A 280 7.58 5.68 0.21
CA THR A 280 7.91 6.51 1.36
C THR A 280 9.38 6.95 1.33
N PRO A 281 9.66 8.21 1.74
CA PRO A 281 11.08 8.57 1.87
C PRO A 281 11.78 7.86 3.06
N THR A 282 11.04 7.17 3.92
CA THR A 282 11.67 6.39 5.00
C THR A 282 12.44 5.17 4.45
N LEU A 283 12.35 4.92 3.16
CA LEU A 283 13.20 3.90 2.50
C LEU A 283 14.67 4.32 2.36
N LEU A 284 14.92 5.61 2.50
CA LEU A 284 16.23 6.16 2.17
C LEU A 284 17.22 5.93 3.30
N ALA A 285 17.64 4.67 3.45
CA ALA A 285 18.50 4.27 4.55
C ALA A 285 19.95 4.65 4.29
N GLY A 286 20.29 4.87 3.03
CA GLY A 286 21.69 5.13 2.67
C GLY A 286 22.46 3.90 2.22
N ASP A 287 21.87 2.72 2.34
CA ASP A 287 22.61 1.49 1.98
C ASP A 287 21.81 0.47 1.15
N LYS A 288 20.63 0.86 0.68
CA LYS A 288 19.76 0.00 -0.15
C LYS A 288 19.13 -1.14 0.66
N SER A 289 19.28 -1.11 1.98
CA SER A 289 18.86 -2.24 2.81
C SER A 289 17.35 -2.43 2.86
N LEU A 290 16.58 -1.41 2.50
CA LEU A 290 15.11 -1.51 2.54
C LEU A 290 14.48 -1.70 1.15
N SER A 291 15.30 -2.17 0.19
CA SER A 291 14.90 -2.34 -1.21
C SER A 291 13.84 -3.43 -1.46
N ASN A 292 13.57 -4.27 -0.46
CA ASN A 292 12.53 -5.31 -0.58
C ASN A 292 11.18 -4.68 -0.83
N VAL A 293 11.01 -3.45 -0.36
CA VAL A 293 9.80 -2.69 -0.61
C VAL A 293 9.66 -2.40 -2.11
N ILE A 294 10.79 -2.09 -2.78
CA ILE A 294 10.76 -1.93 -4.25
C ILE A 294 10.43 -3.26 -4.93
N ALA A 295 11.07 -4.34 -4.48
CA ALA A 295 10.78 -5.70 -4.96
C ALA A 295 9.27 -5.99 -4.86
N HIS A 296 8.69 -5.63 -3.71
CA HIS A 296 7.28 -5.83 -3.46
C HIS A 296 6.42 -5.02 -4.45
N GLU A 297 6.75 -3.74 -4.65
CA GLU A 297 5.94 -2.92 -5.54
C GLU A 297 6.06 -3.40 -6.99
N ILE A 298 7.28 -3.76 -7.38
CA ILE A 298 7.52 -4.36 -8.71
C ILE A 298 6.65 -5.60 -8.91
N SER A 299 6.60 -6.48 -7.90
CA SER A 299 5.86 -7.76 -8.03
C SER A 299 4.38 -7.54 -8.26
N HIS A 300 3.83 -6.49 -7.65
CA HIS A 300 2.43 -6.08 -7.92
C HIS A 300 2.06 -5.84 -9.40
N SER A 301 3.05 -5.54 -10.25
CA SER A 301 2.82 -5.43 -11.70
C SER A 301 2.26 -6.73 -12.30
N TRP A 302 2.42 -7.85 -11.59
CA TRP A 302 1.77 -9.10 -11.95
C TRP A 302 0.62 -9.44 -10.96
N THR A 303 0.96 -9.57 -9.68
CA THR A 303 -0.03 -10.01 -8.69
C THR A 303 -0.66 -8.80 -8.01
N GLY A 304 -1.87 -8.46 -8.46
CA GLY A 304 -2.57 -7.26 -7.99
C GLY A 304 -2.97 -6.37 -9.16
N ASN A 305 -2.01 -5.98 -10.00
CA ASN A 305 -2.31 -5.09 -11.11
C ASN A 305 -2.78 -5.81 -12.37
N LEU A 306 -2.25 -7.01 -12.59
CA LEU A 306 -2.71 -7.86 -13.71
C LEU A 306 -3.82 -8.79 -13.26
N VAL A 307 -3.54 -9.58 -12.20
CA VAL A 307 -4.55 -10.39 -11.55
C VAL A 307 -4.99 -9.64 -10.32
N THR A 308 -6.26 -9.26 -10.26
CA THR A 308 -6.75 -8.38 -9.22
C THR A 308 -7.78 -9.08 -8.34
N ASN A 309 -7.80 -8.72 -7.04
CA ASN A 309 -8.89 -9.17 -6.17
C ASN A 309 -10.25 -8.59 -6.63
N LYS A 310 -11.26 -9.45 -6.72
CA LYS A 310 -12.59 -9.08 -7.22
C LYS A 310 -13.32 -8.21 -6.24
N THR A 311 -13.13 -8.51 -4.94
CA THR A 311 -13.59 -7.63 -3.88
C THR A 311 -12.50 -7.55 -2.81
N TRP A 312 -12.66 -6.67 -1.84
CA TRP A 312 -11.61 -6.44 -0.85
C TRP A 312 -11.55 -7.55 0.20
N ASP A 313 -12.59 -8.41 0.23
CA ASP A 313 -12.62 -9.58 1.10
C ASP A 313 -11.49 -10.55 0.74
N HIS A 314 -11.03 -10.46 -0.50
CA HIS A 314 -10.01 -11.36 -1.06
C HIS A 314 -8.66 -10.68 -1.31
N PHE A 315 -8.42 -9.60 -0.59
CA PHE A 315 -7.19 -8.80 -0.64
C PHE A 315 -5.91 -9.60 -0.42
N TRP A 316 -6.01 -10.70 0.34
CA TRP A 316 -4.84 -11.57 0.55
C TRP A 316 -4.32 -12.11 -0.80
N LEU A 317 -5.18 -12.27 -1.80
CA LEU A 317 -4.70 -12.72 -3.12
C LEU A 317 -3.67 -11.77 -3.69
N ASN A 318 -3.99 -10.48 -3.62
CA ASN A 318 -3.09 -9.39 -4.01
C ASN A 318 -1.79 -9.44 -3.20
N GLU A 319 -1.92 -9.46 -1.87
CA GLU A 319 -0.79 -9.25 -0.98
C GLU A 319 0.05 -10.48 -0.72
N GLY A 320 -0.61 -11.61 -0.46
CA GLY A 320 0.10 -12.87 -0.23
C GLY A 320 0.99 -13.24 -1.37
N HIS A 321 0.45 -13.20 -2.60
CA HIS A 321 1.27 -13.58 -3.78
C HIS A 321 2.37 -12.57 -4.07
N THR A 322 2.11 -11.31 -3.78
CA THR A 322 3.13 -10.27 -3.99
C THR A 322 4.32 -10.45 -3.03
N VAL A 323 4.04 -10.68 -1.75
CA VAL A 323 5.12 -10.98 -0.78
C VAL A 323 5.85 -12.24 -1.22
N TYR A 324 5.10 -13.23 -1.70
CA TYR A 324 5.72 -14.47 -2.19
C TYR A 324 6.75 -14.19 -3.31
N LEU A 325 6.32 -13.40 -4.30
CA LEU A 325 7.20 -13.01 -5.41
C LEU A 325 8.37 -12.14 -4.93
N GLU A 326 8.07 -11.16 -4.09
CA GLU A 326 9.06 -10.25 -3.51
C GLU A 326 10.21 -11.04 -2.89
N ARG A 327 9.85 -12.06 -2.11
CA ARG A 327 10.86 -12.87 -1.40
C ARG A 327 11.68 -13.74 -2.33
N HIS A 328 11.05 -14.23 -3.40
CA HIS A 328 11.80 -14.82 -4.52
C HIS A 328 12.79 -13.86 -5.21
N ILE A 329 12.40 -12.60 -5.43
CA ILE A 329 13.33 -11.65 -6.03
C ILE A 329 14.55 -11.46 -5.12
N CYS A 330 14.27 -11.20 -3.85
CA CYS A 330 15.31 -11.05 -2.86
C CYS A 330 16.16 -12.34 -2.74
N GLY A 331 15.51 -13.49 -2.81
CA GLY A 331 16.20 -14.78 -2.82
C GLY A 331 17.14 -14.97 -4.00
N ARG A 332 16.72 -14.51 -5.18
CA ARG A 332 17.57 -14.57 -6.39
C ARG A 332 18.77 -13.64 -6.28
N LEU A 333 18.58 -12.46 -5.69
CA LEU A 333 19.65 -11.47 -5.57
C LEU A 333 20.67 -11.81 -4.49
N PHE A 334 20.19 -12.35 -3.37
CA PHE A 334 21.04 -12.52 -2.20
C PHE A 334 21.12 -13.94 -1.67
N GLY A 335 20.40 -14.88 -2.27
CA GLY A 335 20.50 -16.29 -1.90
C GLY A 335 19.27 -16.84 -1.21
N GLU A 336 19.12 -18.16 -1.27
CA GLU A 336 18.01 -18.84 -0.64
C GLU A 336 17.98 -18.69 0.90
N LYS A 337 19.14 -18.69 1.56
CA LYS A 337 19.20 -18.47 3.02
C LYS A 337 18.55 -17.14 3.41
N PHE A 338 18.74 -16.12 2.57
CA PHE A 338 18.11 -14.83 2.76
C PHE A 338 16.58 -14.84 2.55
N ARG A 339 16.13 -15.58 1.53
CA ARG A 339 14.69 -15.73 1.33
C ARG A 339 14.06 -16.32 2.56
N HIS A 340 14.69 -17.36 3.10
CA HIS A 340 14.25 -17.99 4.33
C HIS A 340 14.31 -17.07 5.55
N PHE A 341 15.35 -16.26 5.65
CA PHE A 341 15.48 -15.26 6.73
C PHE A 341 14.27 -14.32 6.72
N ASN A 342 13.98 -13.73 5.56
CA ASN A 342 12.84 -12.84 5.40
C ASN A 342 11.49 -13.50 5.65
N ALA A 343 11.38 -14.77 5.24
CA ALA A 343 10.17 -15.56 5.42
C ALA A 343 9.91 -15.78 6.91
N LEU A 344 10.97 -16.15 7.63
CA LEU A 344 10.87 -16.38 9.07
C LEU A 344 10.60 -15.08 9.81
N GLY A 345 11.17 -13.97 9.30
CA GLY A 345 10.86 -12.65 9.84
C GLY A 345 9.37 -12.35 9.69
N GLY A 346 8.83 -12.70 8.54
CA GLY A 346 7.39 -12.55 8.28
C GLY A 346 6.48 -13.39 9.16
N TRP A 347 6.91 -14.59 9.52
CA TRP A 347 6.17 -15.40 10.47
C TRP A 347 6.13 -14.69 11.84
N GLY A 348 7.26 -14.14 12.25
CA GLY A 348 7.33 -13.34 13.49
C GLY A 348 6.40 -12.14 13.46
N GLU A 349 6.31 -11.46 12.32
CA GLU A 349 5.38 -10.35 12.14
C GLU A 349 3.93 -10.79 12.29
N LEU A 350 3.59 -11.94 11.72
CA LEU A 350 2.28 -12.51 11.88
C LEU A 350 1.97 -12.84 13.33
N GLN A 351 2.97 -13.36 14.07
CA GLN A 351 2.82 -13.62 15.51
C GLN A 351 2.42 -12.36 16.26
N ASN A 352 3.11 -11.26 15.96
CA ASN A 352 2.80 -9.95 16.51
C ASN A 352 1.39 -9.51 16.23
N SER A 353 0.98 -9.58 14.97
CA SER A 353 -0.35 -9.14 14.58
C SER A 353 -1.43 -9.93 15.29
N VAL A 354 -1.27 -11.24 15.35
CA VAL A 354 -2.25 -12.11 16.00
C VAL A 354 -2.26 -11.81 17.49
N LYS A 355 -1.08 -11.71 18.11
CA LYS A 355 -1.03 -11.39 19.54
C LYS A 355 -1.72 -10.07 19.80
N THR A 356 -1.41 -9.06 18.99
CA THR A 356 -1.99 -7.73 19.13
C THR A 356 -3.51 -7.70 18.91
N PHE A 357 -4.00 -8.33 17.84
CA PHE A 357 -5.43 -8.36 17.56
C PHE A 357 -6.20 -9.25 18.54
N GLY A 358 -5.61 -10.38 18.88
CA GLY A 358 -6.30 -11.43 19.61
C GLY A 358 -6.54 -12.56 18.65
N GLU A 359 -6.34 -13.79 19.11
CA GLU A 359 -6.36 -14.92 18.22
C GLU A 359 -7.76 -15.37 17.76
N THR A 360 -8.80 -14.70 18.26
CA THR A 360 -10.17 -14.93 17.81
C THR A 360 -10.68 -13.74 16.99
N HIS A 361 -9.87 -12.71 16.84
CA HIS A 361 -10.26 -11.49 16.12
C HIS A 361 -10.53 -11.77 14.65
N PRO A 362 -11.66 -11.25 14.13
CA PRO A 362 -12.09 -11.45 12.74
C PRO A 362 -11.07 -10.95 11.69
N PHE A 363 -10.23 -9.99 12.08
CA PHE A 363 -9.24 -9.41 11.18
C PHE A 363 -7.95 -10.26 11.09
N THR A 364 -7.90 -11.38 11.82
CA THR A 364 -6.81 -12.35 11.66
C THR A 364 -7.18 -13.45 10.67
N LYS A 365 -8.43 -13.46 10.21
CA LYS A 365 -8.86 -14.37 9.16
C LYS A 365 -8.20 -13.96 7.86
N LEU A 366 -7.87 -14.94 7.02
CA LEU A 366 -7.24 -14.69 5.73
C LEU A 366 -8.22 -14.08 4.73
N VAL A 367 -9.42 -14.64 4.68
CA VAL A 367 -10.54 -14.08 3.93
C VAL A 367 -11.45 -13.44 4.97
N VAL A 368 -11.75 -12.15 4.81
CA VAL A 368 -12.58 -11.43 5.78
C VAL A 368 -13.90 -10.96 5.13
N ASP A 369 -14.92 -10.77 5.95
CA ASP A 369 -16.16 -10.20 5.47
C ASP A 369 -16.14 -8.70 5.79
N LEU A 370 -15.94 -7.87 4.77
CA LEU A 370 -15.79 -6.42 5.02
C LEU A 370 -17.09 -5.64 4.98
N THR A 371 -18.23 -6.35 4.98
CA THR A 371 -19.54 -5.70 5.06
C THR A 371 -19.58 -4.85 6.33
N ASP A 372 -19.90 -3.57 6.16
CA ASP A 372 -19.94 -2.61 7.28
C ASP A 372 -18.61 -2.44 8.05
N ILE A 373 -17.48 -2.84 7.46
CA ILE A 373 -16.15 -2.51 8.01
C ILE A 373 -15.39 -1.59 7.04
N ASP A 374 -14.93 -0.45 7.54
CA ASP A 374 -14.02 0.41 6.78
C ASP A 374 -12.70 -0.34 6.48
N PRO A 375 -12.41 -0.59 5.19
CA PRO A 375 -11.20 -1.35 4.86
C PRO A 375 -9.92 -0.74 5.45
N ASP A 376 -9.91 0.59 5.64
CA ASP A 376 -8.77 1.27 6.29
C ASP A 376 -8.59 0.83 7.73
N VAL A 377 -9.69 0.47 8.39
CA VAL A 377 -9.64 0.01 9.77
C VAL A 377 -9.18 -1.45 9.84
N ALA A 378 -9.51 -2.23 8.81
CA ALA A 378 -9.17 -3.64 8.75
C ALA A 378 -7.73 -3.89 8.32
N TYR A 379 -7.12 -2.92 7.65
CA TYR A 379 -5.79 -3.07 7.11
C TYR A 379 -4.75 -3.45 8.17
N SER A 380 -3.95 -4.47 7.85
CA SER A 380 -2.85 -4.93 8.71
C SER A 380 -1.91 -5.83 7.91
N SER A 381 -0.89 -6.37 8.59
CA SER A 381 0.06 -7.24 7.95
C SER A 381 -0.49 -8.68 7.76
N VAL A 382 -1.69 -8.95 8.32
CA VAL A 382 -2.28 -10.29 8.26
C VAL A 382 -2.45 -10.86 6.84
N PRO A 383 -3.11 -10.12 5.92
CA PRO A 383 -3.21 -10.68 4.59
C PRO A 383 -1.86 -10.87 3.89
N TYR A 384 -0.87 -10.04 4.23
CA TYR A 384 0.50 -10.17 3.70
C TYR A 384 1.17 -11.47 4.17
N GLU A 385 1.20 -11.65 5.49
CA GLU A 385 2.00 -12.72 6.11
C GLU A 385 1.27 -14.04 6.25
N LYS A 386 -0.02 -13.99 6.58
CA LYS A 386 -0.80 -15.24 6.55
C LYS A 386 -0.94 -15.71 5.12
N GLY A 387 -1.08 -14.76 4.19
CA GLY A 387 -1.11 -15.10 2.78
C GLY A 387 0.20 -15.72 2.36
N PHE A 388 1.29 -15.04 2.69
CA PHE A 388 2.60 -15.61 2.37
C PHE A 388 2.78 -16.99 3.01
N ALA A 389 2.35 -17.15 4.26
CA ALA A 389 2.59 -18.39 5.02
C ALA A 389 1.92 -19.58 4.35
N LEU A 390 0.66 -19.39 3.93
CA LEU A 390 -0.09 -20.36 3.13
C LEU A 390 0.64 -20.79 1.87
N LEU A 391 1.13 -19.81 1.09
CA LEU A 391 1.82 -20.11 -0.15
C LEU A 391 3.16 -20.83 0.03
N PHE A 392 3.87 -20.46 1.09
CA PHE A 392 5.19 -21.04 1.42
C PHE A 392 4.95 -22.48 1.94
N TYR A 393 3.92 -22.64 2.75
CA TYR A 393 3.50 -23.97 3.19
C TYR A 393 3.13 -24.86 2.00
N LEU A 394 2.33 -24.33 1.07
CA LEU A 394 1.99 -25.05 -0.16
C LEU A 394 3.22 -25.36 -1.01
N GLU A 395 4.14 -24.38 -1.13
CA GLU A 395 5.41 -24.59 -1.83
C GLU A 395 6.12 -25.83 -1.29
N GLN A 396 6.20 -25.92 0.04
CA GLN A 396 6.94 -27.01 0.67
C GLN A 396 6.21 -28.33 0.48
N LEU A 397 4.89 -28.29 0.67
CA LEU A 397 4.00 -29.43 0.48
C LEU A 397 4.02 -30.03 -0.94
N LEU A 398 4.16 -29.17 -1.95
CA LEU A 398 3.93 -29.55 -3.34
C LEU A 398 5.19 -29.80 -4.18
N GLY A 399 6.36 -29.75 -3.55
CA GLY A 399 7.59 -30.10 -4.25
C GLY A 399 8.68 -29.05 -4.32
N GLY A 400 8.48 -27.90 -3.70
CA GLY A 400 9.54 -26.90 -3.64
C GLY A 400 9.32 -25.66 -4.50
N PRO A 401 10.25 -24.69 -4.39
CA PRO A 401 10.16 -23.40 -5.07
C PRO A 401 10.02 -23.46 -6.59
N GLU A 402 10.85 -24.25 -7.27
CA GLU A 402 10.80 -24.32 -8.73
C GLU A 402 9.42 -24.75 -9.24
N ILE A 403 8.86 -25.80 -8.63
CA ILE A 403 7.51 -26.28 -8.94
C ILE A 403 6.42 -25.25 -8.61
N PHE A 404 6.50 -24.62 -7.44
CA PHE A 404 5.45 -23.68 -7.05
C PHE A 404 5.50 -22.39 -7.89
N LEU A 405 6.71 -21.98 -8.29
CA LEU A 405 6.84 -20.84 -9.21
C LEU A 405 6.23 -21.14 -10.58
N GLY A 406 6.18 -22.42 -10.96
CA GLY A 406 5.51 -22.82 -12.22
C GLY A 406 4.01 -22.57 -12.10
N PHE A 407 3.44 -22.94 -10.96
CA PHE A 407 2.05 -22.60 -10.67
C PHE A 407 1.87 -21.08 -10.70
N LEU A 408 2.79 -20.35 -10.10
CA LEU A 408 2.64 -18.89 -9.98
C LEU A 408 2.56 -18.24 -11.35
N LYS A 409 3.48 -18.62 -12.24
CA LYS A 409 3.49 -18.05 -13.58
C LYS A 409 2.22 -18.42 -14.35
N ALA A 410 1.76 -19.65 -14.20
CA ALA A 410 0.56 -20.10 -14.90
C ALA A 410 -0.65 -19.35 -14.39
N TYR A 411 -0.69 -19.10 -13.08
CA TYR A 411 -1.78 -18.38 -12.41
C TYR A 411 -1.90 -16.96 -12.93
N VAL A 412 -0.78 -16.25 -13.00
CA VAL A 412 -0.71 -14.92 -13.59
C VAL A 412 -1.21 -14.96 -15.05
N GLU A 413 -0.71 -15.90 -15.84
CA GLU A 413 -1.11 -16.01 -17.26
C GLU A 413 -2.62 -16.22 -17.40
N LYS A 414 -3.13 -17.22 -16.67
CA LYS A 414 -4.55 -17.54 -16.61
C LYS A 414 -5.46 -16.34 -16.31
N PHE A 415 -5.11 -15.59 -15.27
CA PHE A 415 -6.02 -14.58 -14.75
C PHE A 415 -5.65 -13.12 -15.07
N SER A 416 -4.64 -12.94 -15.89
CA SER A 416 -4.24 -11.59 -16.34
C SER A 416 -5.42 -10.81 -16.88
N TYR A 417 -5.47 -9.53 -16.53
CA TYR A 417 -6.53 -8.60 -16.92
C TYR A 417 -7.89 -8.94 -16.33
N LYS A 418 -7.94 -9.85 -15.36
CA LYS A 418 -9.19 -10.24 -14.71
C LYS A 418 -9.21 -9.93 -13.19
N SER A 419 -10.39 -10.05 -12.61
CA SER A 419 -10.57 -9.90 -11.17
C SER A 419 -11.17 -11.20 -10.62
N ILE A 420 -10.54 -11.75 -9.59
CA ILE A 420 -10.87 -13.10 -9.12
C ILE A 420 -11.09 -13.14 -7.60
N THR A 421 -11.70 -14.23 -7.14
CA THR A 421 -11.89 -14.50 -5.71
C THR A 421 -11.01 -15.68 -5.27
N THR A 422 -11.02 -15.96 -3.98
CA THR A 422 -10.28 -17.09 -3.40
C THR A 422 -10.75 -18.44 -3.98
N ASP A 423 -12.03 -18.50 -4.36
CA ASP A 423 -12.62 -19.67 -5.01
C ASP A 423 -11.95 -19.98 -6.34
N ASP A 424 -11.77 -18.93 -7.14
CA ASP A 424 -11.10 -19.03 -8.43
C ASP A 424 -9.67 -19.49 -8.26
N TRP A 425 -8.97 -18.88 -7.29
CA TRP A 425 -7.59 -19.26 -7.01
C TRP A 425 -7.50 -20.75 -6.62
N LYS A 426 -8.35 -21.17 -5.69
CA LYS A 426 -8.37 -22.56 -5.23
C LYS A 426 -8.70 -23.55 -6.35
N ASP A 427 -9.68 -23.21 -7.19
CA ASP A 427 -10.04 -24.00 -8.38
C ASP A 427 -8.86 -24.19 -9.31
N PHE A 428 -8.14 -23.11 -9.60
CA PHE A 428 -7.00 -23.19 -10.48
C PHE A 428 -5.84 -23.96 -9.81
N LEU A 429 -5.69 -23.78 -8.51
CA LEU A 429 -4.67 -24.53 -7.75
C LEU A 429 -4.90 -26.03 -7.92
N TYR A 430 -6.14 -26.45 -7.73
CA TYR A 430 -6.55 -27.84 -7.88
C TYR A 430 -6.42 -28.34 -9.30
N SER A 431 -6.67 -27.45 -10.26
CA SER A 431 -6.51 -27.78 -11.67
C SER A 431 -5.03 -27.98 -12.07
N TYR A 432 -4.19 -27.01 -11.69
CA TYR A 432 -2.75 -27.08 -11.98
C TYR A 432 -2.06 -28.25 -11.30
N PHE A 433 -2.49 -28.57 -10.08
CA PHE A 433 -1.89 -29.65 -9.31
C PHE A 433 -2.81 -30.86 -9.22
N LYS A 434 -3.54 -31.13 -10.29
CA LYS A 434 -4.47 -32.27 -10.28
C LYS A 434 -3.75 -33.59 -9.97
N ASP A 435 -2.49 -33.69 -10.39
CA ASP A 435 -1.66 -34.85 -10.11
C ASP A 435 -1.22 -34.96 -8.65
N LYS A 436 -1.65 -34.00 -7.82
CA LYS A 436 -1.25 -33.95 -6.42
C LYS A 436 -2.42 -33.62 -5.49
N VAL A 437 -3.63 -33.92 -5.95
CA VAL A 437 -4.86 -33.64 -5.21
C VAL A 437 -4.90 -34.32 -3.83
N ASP A 438 -4.30 -35.51 -3.77
CA ASP A 438 -4.14 -36.26 -2.52
C ASP A 438 -3.40 -35.43 -1.48
N VAL A 439 -2.31 -34.80 -1.90
CA VAL A 439 -1.52 -33.88 -1.09
C VAL A 439 -2.38 -32.67 -0.68
N LEU A 440 -3.01 -32.05 -1.67
CA LEU A 440 -3.87 -30.89 -1.47
C LEU A 440 -5.01 -31.13 -0.49
N ASN A 441 -5.48 -32.37 -0.40
CA ASN A 441 -6.59 -32.69 0.49
C ASN A 441 -6.17 -32.82 1.96
N GLN A 442 -4.87 -32.86 2.20
CA GLN A 442 -4.36 -32.76 3.58
C GLN A 442 -4.32 -31.31 4.13
N VAL A 443 -4.46 -30.33 3.25
CA VAL A 443 -4.56 -28.93 3.69
C VAL A 443 -5.89 -28.69 4.41
N ASP A 444 -5.81 -28.14 5.61
CA ASP A 444 -6.98 -27.70 6.34
C ASP A 444 -7.46 -26.32 5.84
N TRP A 445 -8.28 -26.34 4.79
CA TRP A 445 -8.69 -25.13 4.08
C TRP A 445 -9.53 -24.21 4.94
N ASN A 446 -10.41 -24.80 5.75
CA ASN A 446 -11.27 -24.04 6.63
C ASN A 446 -10.48 -23.21 7.60
N ALA A 447 -9.47 -23.84 8.22
CA ALA A 447 -8.59 -23.17 9.16
C ALA A 447 -7.72 -22.11 8.47
N TRP A 448 -7.07 -22.48 7.36
CA TRP A 448 -6.21 -21.55 6.64
C TRP A 448 -6.96 -20.31 6.15
N LEU A 449 -8.06 -20.53 5.44
CA LEU A 449 -8.75 -19.44 4.76
C LEU A 449 -9.71 -18.66 5.64
N TYR A 450 -10.39 -19.34 6.56
CA TYR A 450 -11.56 -18.76 7.24
C TYR A 450 -11.49 -18.64 8.75
N SER A 451 -10.48 -19.22 9.37
CA SER A 451 -10.36 -19.16 10.84
C SER A 451 -9.41 -18.07 11.31
N PRO A 452 -9.72 -17.42 12.44
CA PRO A 452 -8.83 -16.43 13.02
C PRO A 452 -7.58 -17.07 13.62
N GLY A 453 -6.62 -16.25 14.03
CA GLY A 453 -5.46 -16.75 14.79
C GLY A 453 -4.31 -17.22 13.92
N LEU A 454 -3.31 -17.84 14.54
CA LEU A 454 -2.18 -18.40 13.81
C LEU A 454 -2.62 -19.53 12.90
N PRO A 455 -1.93 -19.72 11.76
CA PRO A 455 -2.21 -20.83 10.86
C PRO A 455 -2.08 -22.17 11.57
N PRO A 456 -2.85 -23.18 11.14
CA PRO A 456 -2.78 -24.49 11.81
C PRO A 456 -1.43 -25.18 11.66
N ILE A 457 -0.63 -24.79 10.66
CA ILE A 457 0.70 -25.37 10.45
C ILE A 457 1.73 -24.27 10.23
N LYS A 458 2.89 -24.41 10.86
CA LYS A 458 4.03 -23.54 10.62
C LYS A 458 4.95 -24.19 9.57
N PRO A 459 5.23 -23.47 8.48
CA PRO A 459 6.21 -23.94 7.48
C PRO A 459 7.61 -24.22 8.06
N ASN A 460 8.46 -24.90 7.29
CA ASN A 460 9.85 -25.14 7.69
C ASN A 460 10.73 -24.00 7.23
N TYR A 461 11.49 -23.44 8.16
CA TYR A 461 12.36 -22.30 7.87
C TYR A 461 13.81 -22.65 8.16
N ASP A 462 14.68 -22.35 7.20
CA ASP A 462 16.12 -22.33 7.45
C ASP A 462 16.41 -21.26 8.52
N MET A 463 17.30 -21.58 9.45
CA MET A 463 17.55 -20.72 10.61
C MET A 463 18.89 -20.01 10.52
N THR A 464 19.71 -20.41 9.54
CA THR A 464 21.09 -19.95 9.40
C THR A 464 21.35 -18.47 9.71
N LEU A 465 20.63 -17.57 9.03
CA LEU A 465 20.86 -16.13 9.21
C LEU A 465 20.18 -15.57 10.46
N THR A 466 19.22 -16.31 10.98
CA THR A 466 18.42 -15.86 12.11
C THR A 466 19.04 -16.27 13.48
N ASN A 467 19.83 -17.33 13.49
CA ASN A 467 20.43 -17.85 14.73
C ASN A 467 21.18 -16.81 15.56
N ALA A 468 22.01 -16.00 14.91
CA ALA A 468 22.80 -15.00 15.62
C ALA A 468 21.93 -13.89 16.25
N CYS A 469 20.79 -13.61 15.61
CA CYS A 469 19.85 -12.60 16.10
C CYS A 469 19.21 -13.10 17.37
N ILE A 470 18.75 -14.34 17.31
CA ILE A 470 18.15 -15.03 18.43
C ILE A 470 19.15 -15.20 19.56
N ALA A 471 20.37 -15.60 19.24
CA ALA A 471 21.43 -15.73 20.25
C ALA A 471 21.62 -14.44 21.06
N LEU A 472 21.83 -13.33 20.38
CA LEU A 472 22.07 -12.07 21.05
C LEU A 472 20.86 -11.56 21.83
N SER A 473 19.67 -11.72 21.24
CA SER A 473 18.41 -11.36 21.90
C SER A 473 18.32 -12.12 23.23
N GLN A 474 18.55 -13.42 23.18
CA GLN A 474 18.44 -14.25 24.37
C GLN A 474 19.49 -13.91 25.43
N ARG A 475 20.69 -13.55 25.00
CA ARG A 475 21.74 -13.09 25.93
C ARG A 475 21.25 -11.88 26.71
N TRP A 476 20.57 -10.96 26.04
CA TRP A 476 20.11 -9.75 26.68
C TRP A 476 18.95 -10.03 27.62
N ILE A 477 17.98 -10.84 27.15
CA ILE A 477 16.78 -11.16 27.92
C ILE A 477 17.14 -11.93 29.20
N THR A 478 18.09 -12.87 29.08
CA THR A 478 18.52 -13.66 30.24
C THR A 478 19.61 -12.97 31.10
N ALA A 479 20.15 -11.86 30.65
CA ALA A 479 21.17 -11.11 31.39
C ALA A 479 20.66 -10.59 32.71
N LYS A 480 21.47 -10.73 33.77
CA LYS A 480 21.22 -10.01 35.01
C LYS A 480 22.13 -8.82 35.08
N GLU A 481 21.97 -8.01 36.11
CA GLU A 481 22.76 -6.79 36.22
C GLU A 481 24.27 -7.09 36.09
N ASP A 482 24.73 -8.18 36.72
CA ASP A 482 26.18 -8.51 36.76
C ASP A 482 26.72 -9.03 35.42
N ASP A 483 25.81 -9.15 34.44
CA ASP A 483 26.12 -9.59 33.08
C ASP A 483 26.21 -8.43 32.05
N LEU A 484 25.67 -7.27 32.41
CA LEU A 484 25.60 -6.14 31.50
C LEU A 484 26.99 -5.69 31.01
N ASN A 485 27.98 -5.82 31.89
CA ASN A 485 29.36 -5.46 31.56
C ASN A 485 29.93 -6.26 30.40
N SER A 486 29.46 -7.49 30.22
CA SER A 486 29.92 -8.37 29.14
C SER A 486 29.52 -7.94 27.73
N PHE A 487 28.51 -7.08 27.59
CA PHE A 487 28.10 -6.62 26.26
C PHE A 487 29.01 -5.51 25.74
N ASN A 488 29.27 -5.51 24.45
CA ASN A 488 30.00 -4.39 23.84
C ASN A 488 29.80 -4.34 22.33
N ALA A 489 30.27 -3.26 21.68
CA ALA A 489 30.03 -3.03 20.25
C ALA A 489 30.44 -4.18 19.35
N THR A 490 31.40 -4.99 19.80
CA THR A 490 31.82 -6.17 19.02
C THR A 490 30.70 -7.20 18.84
N ASP A 491 29.68 -7.16 19.71
CA ASP A 491 28.52 -8.06 19.52
C ASP A 491 27.85 -7.91 18.15
N LEU A 492 27.91 -6.71 17.58
CA LEU A 492 27.15 -6.40 16.34
C LEU A 492 28.01 -6.51 15.07
N LYS A 493 29.29 -6.79 15.26
CA LYS A 493 30.27 -6.72 14.19
C LYS A 493 29.94 -7.68 13.05
N ASP A 494 29.41 -8.86 13.38
CA ASP A 494 29.05 -9.82 12.35
C ASP A 494 27.56 -9.80 11.95
N LEU A 495 26.84 -8.74 12.30
CA LEU A 495 25.42 -8.65 11.93
C LEU A 495 25.18 -7.64 10.81
N SER A 496 24.45 -8.06 9.78
CA SER A 496 24.01 -7.11 8.75
C SER A 496 22.96 -6.20 9.37
N SER A 497 22.56 -5.14 8.65
CA SER A 497 21.48 -4.27 9.13
C SER A 497 20.18 -5.05 9.26
N HIS A 498 19.95 -6.01 8.35
CA HIS A 498 18.77 -6.87 8.43
C HIS A 498 18.80 -7.69 9.71
N GLN A 499 19.97 -8.22 10.06
CA GLN A 499 20.12 -8.99 11.29
C GLN A 499 19.99 -8.11 12.54
N LEU A 500 20.47 -6.88 12.50
CA LEU A 500 20.29 -5.94 13.62
C LEU A 500 18.81 -5.69 13.86
N ASN A 501 18.11 -5.43 12.76
CA ASN A 501 16.64 -5.26 12.80
C ASN A 501 15.91 -6.44 13.45
N GLU A 502 16.29 -7.64 13.04
CA GLU A 502 15.66 -8.83 13.55
C GLU A 502 16.03 -9.13 15.02
N PHE A 503 17.27 -8.85 15.40
CA PHE A 503 17.65 -8.83 16.81
C PHE A 503 16.72 -7.91 17.62
N LEU A 504 16.50 -6.69 17.14
CA LEU A 504 15.57 -5.78 17.81
C LEU A 504 14.13 -6.29 17.78
N ALA A 505 13.69 -6.81 16.63
CA ALA A 505 12.35 -7.43 16.54
C ALA A 505 12.15 -8.54 17.58
N GLN A 506 13.15 -9.42 17.72
CA GLN A 506 13.08 -10.54 18.67
C GLN A 506 13.00 -10.06 20.11
N THR A 507 13.80 -9.06 20.43
CA THR A 507 13.88 -8.50 21.77
C THR A 507 12.58 -7.74 22.12
N LEU A 508 12.06 -6.99 21.14
CA LEU A 508 10.82 -6.25 21.29
C LEU A 508 9.64 -7.15 21.63
N GLN A 509 9.64 -8.37 21.10
CA GLN A 509 8.60 -9.36 21.42
C GLN A 509 8.55 -9.69 22.91
N ARG A 510 9.69 -9.54 23.61
CA ARG A 510 9.77 -9.83 25.04
C ARG A 510 9.77 -8.57 25.91
N ALA A 511 9.42 -7.45 25.30
CA ALA A 511 9.43 -6.17 26.01
C ALA A 511 8.29 -6.15 27.03
N PRO A 512 8.50 -5.51 28.21
CA PRO A 512 9.67 -4.69 28.52
C PRO A 512 10.88 -5.46 29.00
N LEU A 513 12.05 -4.87 28.79
CA LEU A 513 13.28 -5.25 29.47
C LEU A 513 13.52 -4.25 30.63
N PRO A 514 14.35 -4.63 31.61
CA PRO A 514 14.66 -3.67 32.66
C PRO A 514 15.30 -2.40 32.09
N LEU A 515 14.99 -1.28 32.73
CA LEU A 515 15.50 0.01 32.29
C LEU A 515 17.02 0.02 32.24
N GLY A 516 17.66 -0.64 33.20
CA GLY A 516 19.14 -0.79 33.17
C GLY A 516 19.70 -1.50 31.93
N HIS A 517 18.96 -2.48 31.43
CA HIS A 517 19.42 -3.20 30.24
C HIS A 517 19.39 -2.27 29.04
N ILE A 518 18.30 -1.52 28.94
CA ILE A 518 18.08 -0.66 27.80
C ILE A 518 19.10 0.49 27.79
N LYS A 519 19.39 1.05 28.97
CA LYS A 519 20.45 2.07 29.08
C LYS A 519 21.81 1.53 28.65
N ARG A 520 22.10 0.28 29.04
CA ARG A 520 23.35 -0.37 28.65
C ARG A 520 23.41 -0.57 27.13
N MET A 521 22.31 -0.99 26.52
CA MET A 521 22.25 -1.16 25.07
C MET A 521 22.64 0.10 24.33
N GLN A 522 22.10 1.23 24.76
CA GLN A 522 22.43 2.52 24.14
C GLN A 522 23.91 2.83 24.41
N GLU A 523 24.35 2.58 25.63
CA GLU A 523 25.75 2.82 26.01
C GLU A 523 26.72 2.07 25.09
N VAL A 524 26.44 0.80 24.80
CA VAL A 524 27.39 -0.02 24.03
C VAL A 524 27.14 -0.07 22.52
N TYR A 525 25.88 0.10 22.10
CA TYR A 525 25.56 -0.07 20.68
C TYR A 525 25.23 1.22 19.99
N ASN A 526 25.01 2.27 20.78
CA ASN A 526 24.63 3.58 20.27
C ASN A 526 23.50 3.48 19.24
N PHE A 527 22.46 2.70 19.54
CA PHE A 527 21.31 2.60 18.64
C PHE A 527 20.64 3.95 18.35
N ASN A 528 20.82 4.94 19.23
CA ASN A 528 20.27 6.26 18.98
C ASN A 528 20.79 6.95 17.72
N ALA A 529 22.00 6.58 17.30
CA ALA A 529 22.60 7.15 16.11
C ALA A 529 22.12 6.50 14.80
N ILE A 530 21.33 5.42 14.86
CA ILE A 530 20.96 4.71 13.64
C ILE A 530 19.81 5.43 12.96
N ASN A 531 19.96 5.66 11.66
CA ASN A 531 18.94 6.39 10.91
C ASN A 531 18.06 5.45 10.09
N ASN A 532 18.48 4.20 9.91
CA ASN A 532 17.63 3.20 9.26
C ASN A 532 16.26 3.23 9.96
N SER A 533 15.19 3.49 9.18
CA SER A 533 13.87 3.73 9.77
C SER A 533 13.30 2.51 10.48
N GLU A 534 13.47 1.33 9.90
CA GLU A 534 13.01 0.08 10.50
C GLU A 534 13.69 -0.20 11.84
N ILE A 535 15.02 -0.11 11.87
CA ILE A 535 15.79 -0.31 13.10
C ILE A 535 15.43 0.74 14.15
N ARG A 536 15.40 2.00 13.72
CA ARG A 536 15.11 3.09 14.65
C ARG A 536 13.73 2.92 15.26
N PHE A 537 12.75 2.58 14.43
CA PHE A 537 11.40 2.31 14.88
C PHE A 537 11.37 1.24 16.00
N ARG A 538 11.99 0.09 15.75
CA ARG A 538 11.95 -0.98 16.74
C ARG A 538 12.70 -0.61 18.02
N TRP A 539 13.84 0.07 17.88
CA TRP A 539 14.62 0.57 19.00
C TRP A 539 13.84 1.53 19.88
N LEU A 540 13.17 2.52 19.27
CA LEU A 540 12.36 3.47 20.04
C LEU A 540 11.14 2.80 20.73
N ARG A 541 10.47 1.89 20.03
CA ARG A 541 9.43 1.10 20.67
C ARG A 541 10.01 0.32 21.86
N LEU A 542 11.19 -0.28 21.67
CA LEU A 542 11.81 -1.04 22.76
C LEU A 542 12.03 -0.11 23.98
N CYS A 543 12.54 1.10 23.75
CA CYS A 543 12.79 2.09 24.83
C CYS A 543 11.54 2.58 25.56
N ILE A 544 10.52 2.93 24.78
CA ILE A 544 9.25 3.40 25.36
C ILE A 544 8.54 2.33 26.21
N GLN A 545 8.40 1.13 25.65
CA GLN A 545 7.77 0.03 26.35
C GLN A 545 8.59 -0.39 27.59
N SER A 546 9.90 -0.18 27.56
CA SER A 546 10.75 -0.41 28.72
C SER A 546 10.80 0.82 29.64
N LYS A 547 10.01 1.85 29.31
CA LYS A 547 9.78 3.00 30.19
C LYS A 547 10.97 3.94 30.39
N TRP A 548 11.76 4.15 29.34
CA TRP A 548 12.86 5.09 29.37
C TRP A 548 12.39 6.47 28.94
N GLU A 549 12.28 7.37 29.92
CA GLU A 549 11.77 8.73 29.66
C GLU A 549 12.59 9.50 28.62
N ASP A 550 13.90 9.24 28.57
CA ASP A 550 14.80 9.93 27.63
C ASP A 550 14.38 9.69 26.18
N ALA A 551 13.72 8.57 25.92
CA ALA A 551 13.35 8.21 24.55
C ALA A 551 12.07 8.92 24.08
N ILE A 552 11.35 9.53 25.02
CA ILE A 552 10.07 10.18 24.71
C ILE A 552 10.16 11.23 23.57
N PRO A 553 11.05 12.24 23.70
CA PRO A 553 11.14 13.23 22.59
C PRO A 553 11.59 12.60 21.25
N LEU A 554 12.45 11.58 21.30
CA LEU A 554 12.84 10.90 20.06
C LEU A 554 11.68 10.13 19.39
N ALA A 555 10.87 9.46 20.21
CA ALA A 555 9.69 8.73 19.71
C ALA A 555 8.64 9.70 19.16
N LEU A 556 8.38 10.78 19.90
CA LEU A 556 7.42 11.80 19.46
C LEU A 556 7.83 12.39 18.11
N LYS A 557 9.12 12.70 18.00
CA LYS A 557 9.74 13.21 16.79
C LYS A 557 9.59 12.24 15.60
N MET A 558 10.00 10.99 15.77
CA MET A 558 9.82 10.01 14.68
C MET A 558 8.34 9.84 14.31
N ALA A 559 7.44 9.86 15.30
CA ALA A 559 6.01 9.65 15.03
C ALA A 559 5.42 10.75 14.16
N THR A 560 5.96 11.96 14.27
CA THR A 560 5.33 13.13 13.63
C THR A 560 6.06 13.64 12.41
N GLU A 561 7.38 13.46 12.39
CA GLU A 561 8.22 13.93 11.29
C GLU A 561 8.12 13.04 10.04
N GLN A 562 7.63 11.82 10.21
CA GLN A 562 7.20 11.03 9.05
C GLN A 562 5.81 10.49 9.37
N GLY A 563 5.12 9.96 8.36
CA GLY A 563 3.72 9.57 8.52
C GLY A 563 3.39 8.19 8.02
N ARG A 564 4.42 7.35 7.83
CA ARG A 564 4.19 5.97 7.43
C ARG A 564 3.47 5.27 8.60
N MET A 565 2.28 4.75 8.33
CA MET A 565 1.42 4.24 9.40
C MET A 565 2.03 3.08 10.15
N LYS A 566 2.77 2.22 9.44
CA LYS A 566 3.57 1.16 10.03
C LYS A 566 4.39 1.64 11.23
N PHE A 567 4.90 2.87 11.15
CA PHE A 567 5.74 3.44 12.23
C PHE A 567 4.95 4.36 13.17
N THR A 568 4.27 5.33 12.57
CA THR A 568 3.52 6.34 13.29
C THR A 568 2.47 5.75 14.24
N ARG A 569 1.70 4.77 13.76
CA ARG A 569 0.60 4.23 14.58
C ARG A 569 1.08 3.51 15.87
N PRO A 570 2.02 2.55 15.75
CA PRO A 570 2.53 1.92 16.96
C PRO A 570 3.37 2.87 17.83
N LEU A 571 4.05 3.84 17.24
CA LEU A 571 4.76 4.80 18.08
C LEU A 571 3.80 5.59 18.97
N PHE A 572 2.73 6.10 18.38
CA PHE A 572 1.67 6.78 19.15
C PHE A 572 1.00 5.89 20.20
N LYS A 573 0.72 4.64 19.83
CA LYS A 573 0.15 3.67 20.79
C LYS A 573 1.08 3.45 22.01
N ASP A 574 2.36 3.23 21.74
CA ASP A 574 3.35 3.02 22.81
C ASP A 574 3.46 4.25 23.72
N LEU A 575 3.60 5.42 23.09
CA LEU A 575 3.60 6.70 23.80
C LEU A 575 2.32 6.96 24.63
N ALA A 576 1.15 6.55 24.13
CA ALA A 576 -0.09 6.70 24.90
C ALA A 576 -0.16 5.69 26.06
N ALA A 577 0.47 4.53 25.89
CA ALA A 577 0.47 3.51 26.95
C ALA A 577 1.51 3.75 28.05
N PHE A 578 2.50 4.59 27.80
CA PHE A 578 3.48 4.99 28.81
C PHE A 578 2.89 6.20 29.57
N ASP A 579 2.60 6.04 30.86
CA ASP A 579 1.97 7.15 31.61
C ASP A 579 2.74 8.45 31.53
N LYS A 580 4.06 8.35 31.49
CA LYS A 580 4.93 9.53 31.43
C LYS A 580 4.83 10.35 30.12
N SER A 581 4.39 9.71 29.03
CA SER A 581 4.30 10.37 27.73
C SER A 581 2.85 10.47 27.23
N HIS A 582 1.91 9.90 27.97
CA HIS A 582 0.54 9.77 27.52
C HIS A 582 -0.07 11.12 27.10
N ASP A 583 0.03 12.10 27.98
CA ASP A 583 -0.53 13.44 27.72
C ASP A 583 0.18 14.12 26.55
N GLN A 584 1.49 13.90 26.47
CA GLN A 584 2.27 14.42 25.35
C GLN A 584 1.81 13.78 24.03
N ALA A 585 1.53 12.48 24.05
CA ALA A 585 1.10 11.78 22.84
C ALA A 585 -0.20 12.38 22.32
N VAL A 586 -1.20 12.47 23.20
CA VAL A 586 -2.50 13.04 22.83
C VAL A 586 -2.39 14.48 22.34
N ARG A 587 -1.65 15.31 23.08
CA ARG A 587 -1.49 16.72 22.73
C ARG A 587 -0.80 16.88 21.37
N THR A 588 0.27 16.13 21.17
CA THR A 588 1.02 16.19 19.91
C THR A 588 0.14 15.81 18.73
N TYR A 589 -0.60 14.71 18.87
CA TYR A 589 -1.58 14.37 17.86
C TYR A 589 -2.56 15.52 17.55
N GLN A 590 -3.15 16.09 18.59
CA GLN A 590 -4.11 17.18 18.40
C GLN A 590 -3.48 18.37 17.66
N GLU A 591 -2.22 18.69 17.98
CA GLU A 591 -1.50 19.76 17.31
C GLU A 591 -1.18 19.49 15.82
N HIS A 592 -0.91 18.23 15.48
CA HIS A 592 -0.49 17.85 14.12
C HIS A 592 -1.63 17.37 13.23
N LYS A 593 -2.74 17.02 13.86
CA LYS A 593 -3.98 16.52 13.26
C LYS A 593 -4.28 17.13 11.89
N ALA A 594 -4.33 18.45 11.86
CA ALA A 594 -4.78 19.24 10.72
C ALA A 594 -3.87 19.07 9.49
N SER A 595 -2.58 18.86 9.74
CA SER A 595 -1.61 18.76 8.67
C SER A 595 -1.17 17.31 8.36
N MET A 596 -1.83 16.33 8.97
CA MET A 596 -1.58 14.91 8.70
C MET A 596 -2.36 14.42 7.46
N HIS A 597 -1.95 13.27 6.92
CA HIS A 597 -2.73 12.60 5.87
C HIS A 597 -4.09 12.29 6.46
N PRO A 598 -5.18 12.45 5.68
CA PRO A 598 -6.50 12.29 6.31
C PRO A 598 -6.78 10.88 6.84
N VAL A 599 -6.30 9.83 6.18
CA VAL A 599 -6.56 8.48 6.67
C VAL A 599 -5.75 8.24 7.96
N THR A 600 -4.48 8.64 7.93
CA THR A 600 -3.61 8.49 9.09
C THR A 600 -4.16 9.24 10.30
N ALA A 601 -4.65 10.47 10.08
CA ALA A 601 -5.25 11.26 11.15
C ALA A 601 -6.36 10.47 11.81
N MET A 602 -7.23 9.88 10.99
CA MET A 602 -8.41 9.18 11.47
C MET A 602 -7.98 7.98 12.30
N LEU A 603 -7.01 7.22 11.79
CA LEU A 603 -6.60 5.96 12.43
C LEU A 603 -5.85 6.20 13.75
N VAL A 604 -4.92 7.14 13.73
CA VAL A 604 -4.19 7.54 14.94
C VAL A 604 -5.19 8.05 16.00
N GLY A 605 -6.16 8.85 15.59
CA GLY A 605 -7.25 9.30 16.46
C GLY A 605 -8.01 8.12 17.08
N LYS A 606 -8.38 7.15 16.25
CA LYS A 606 -8.99 5.94 16.80
C LYS A 606 -8.05 5.26 17.79
N ASP A 607 -6.78 5.06 17.40
CA ASP A 607 -5.81 4.39 18.27
C ASP A 607 -5.67 5.10 19.62
N LEU A 608 -5.69 6.41 19.60
CA LEU A 608 -5.52 7.21 20.83
C LEU A 608 -6.82 7.36 21.59
N LYS A 609 -7.92 6.85 21.03
CA LYS A 609 -9.27 6.96 21.60
C LYS A 609 -9.67 8.42 21.84
N VAL A 610 -9.41 9.27 20.85
CA VAL A 610 -9.66 10.71 20.94
C VAL A 610 -10.70 11.18 19.91
ZN ZN B . 1.37 -4.93 -1.52
YB YB C . 25.06 -13.39 37.84
O7 92G D . 10.52 -14.11 13.56
C5 92G D . 12.46 -16.97 14.72
C6 92G D . 12.15 -15.72 14.22
C1 92G D . 10.82 -15.34 14.05
C3 92G D . 10.11 -17.49 14.89
C2 92G D . 9.80 -16.22 14.39
C4 92G D . 11.44 -17.86 15.06
C8 92G D . 11.77 -19.21 15.59
C10 92G D . 11.62 -21.47 15.72
C12 92G D . 12.70 -19.39 16.64
S11 92G D . 12.80 -21.14 16.99
N9 92G D . 11.19 -20.36 15.10
N13 92G D . 11.19 -22.72 15.41
O7 92G E . -8.46 -3.19 2.40
C5 92G E . -7.33 -5.48 5.02
C6 92G E . -7.52 -4.31 4.29
C1 92G E . -8.27 -4.34 3.12
C3 92G E . -8.63 -6.70 3.41
C2 92G E . -8.83 -5.53 2.68
C4 92G E . -7.89 -6.67 4.57
C8 92G E . -7.68 -7.93 5.35
C10 92G E . -7.20 -10.14 5.63
C12 92G E . -7.81 -7.97 6.76
S11 92G E . -7.49 -9.64 7.31
N9 92G E . -7.35 -9.12 4.75
N13 92G E . -6.89 -11.40 5.27
C ACT F . 22.59 -12.95 39.17
O ACT F . 23.46 -12.16 38.75
OXT ACT F . 22.63 -14.16 38.75
CH3 ACT F . 21.54 -12.46 40.12
C ACT G . 1.45 -2.38 -0.61
O ACT G . 2.17 -2.39 -1.65
OXT ACT G . 0.89 -3.46 -0.33
CH3 ACT G . 1.25 -1.14 0.25
N1 IMD H . 9.03 -9.94 13.74
C2 IMD H . 10.13 -10.45 13.13
N3 IMD H . 10.77 -11.26 14.02
C4 IMD H . 10.08 -11.25 15.19
C5 IMD H . 8.98 -10.41 15.01
N1 IMD I . 17.94 -3.06 7.57
C2 IMD I . 16.93 -2.88 8.46
N3 IMD I . 15.87 -3.65 8.09
C4 IMD I . 16.20 -4.32 6.97
C5 IMD I . 17.51 -3.94 6.64
#